data_1G9T
#
_entry.id   1G9T
#
_cell.length_a   84.140
_cell.length_b   84.140
_cell.length_c   167.270
_cell.angle_alpha   90.00
_cell.angle_beta   90.00
_cell.angle_gamma   120.00
#
_symmetry.space_group_name_H-M   'P 31 2 1'
#
loop_
_entity.id
_entity.type
_entity.pdbx_description
1 polymer 'HYPOXANTHINE PHOSPHORIBOSYLTRANSFERASE'
2 non-polymer "GUANOSINE-5'-MONOPHOSPHATE"
3 non-polymer "ANY 5'-MONOPHOSPHATE NUCLEOTIDE"
4 water water
#
_entity_poly.entity_id   1
_entity_poly.type   'polypeptide(L)'
_entity_poly.pdbx_seq_one_letter_code
;MVRDMKHTVEVMIPEAEIKARIAELGRQITERYKDSGSDMVLVGLLRGSFMFMADLCREVQVSHEVDFMTASSYGSGMST
TRDLKILKDLDEDIRGKDVLIVEDIIDSGNTLSKVREILSLREPKSLAICTLLDKPSRREVNVPVEFIGFSIPDEFVVGY
GIDYAQRYRHLPYIGKVILLDE
;
_entity_poly.pdbx_strand_id   A,B
#
# COMPACT_ATOMS: atom_id res chain seq x y z
N MET A 5 -2.55 29.25 0.07
CA MET A 5 -2.78 27.89 -0.49
C MET A 5 -2.07 27.75 -1.83
N LYS A 6 -2.02 28.84 -2.61
CA LYS A 6 -1.32 28.80 -3.89
C LYS A 6 0.05 28.29 -3.47
N HIS A 7 0.73 27.50 -4.31
CA HIS A 7 2.04 26.98 -3.90
C HIS A 7 2.91 26.35 -5.00
N THR A 8 4.04 25.79 -4.59
CA THR A 8 4.96 25.13 -5.50
C THR A 8 5.55 23.93 -4.80
N VAL A 9 5.89 22.89 -5.56
CA VAL A 9 6.50 21.73 -4.95
C VAL A 9 7.87 21.57 -5.56
N GLU A 10 8.88 21.50 -4.72
CA GLU A 10 10.24 21.33 -5.20
C GLU A 10 10.72 19.98 -4.69
N VAL A 11 11.59 19.34 -5.45
CA VAL A 11 12.10 18.04 -5.04
C VAL A 11 12.94 18.24 -3.78
N MET A 12 12.85 17.30 -2.85
CA MET A 12 13.62 17.38 -1.63
C MET A 12 14.48 16.14 -1.58
N ILE A 13 13.87 14.99 -1.79
CA ILE A 13 14.60 13.73 -1.82
C ILE A 13 14.20 13.02 -3.09
N PRO A 14 15.07 13.04 -4.12
CA PRO A 14 14.81 12.40 -5.40
C PRO A 14 14.61 10.89 -5.31
N GLU A 15 13.78 10.39 -6.23
CA GLU A 15 13.42 8.99 -6.32
C GLU A 15 14.56 7.99 -6.13
N ALA A 16 15.71 8.25 -6.75
CA ALA A 16 16.84 7.33 -6.66
C ALA A 16 17.45 7.26 -5.26
N GLU A 17 17.44 8.39 -4.55
CA GLU A 17 18.00 8.43 -3.21
C GLU A 17 17.13 7.60 -2.26
N ILE A 18 15.81 7.68 -2.46
CA ILE A 18 14.87 6.93 -1.63
C ILE A 18 15.05 5.46 -1.92
N LYS A 19 15.12 5.12 -3.20
CA LYS A 19 15.30 3.73 -3.62
C LYS A 19 16.51 3.13 -2.92
N ALA A 20 17.61 3.87 -2.93
CA ALA A 20 18.85 3.43 -2.31
C ALA A 20 18.71 3.26 -0.79
N ARG A 21 18.11 4.26 -0.14
CA ARG A 21 17.92 4.19 1.30
C ARG A 21 17.04 3.00 1.68
N ILE A 22 15.93 2.83 0.95
CA ILE A 22 15.02 1.70 1.24
C ILE A 22 15.80 0.40 1.18
N ALA A 23 16.71 0.31 0.21
CA ALA A 23 17.53 -0.89 0.05
C ALA A 23 18.38 -1.13 1.31
N GLU A 24 18.98 -0.06 1.83
CA GLU A 24 19.81 -0.14 3.03
C GLU A 24 18.93 -0.62 4.19
N LEU A 25 17.82 0.09 4.41
CA LEU A 25 16.90 -0.25 5.48
C LEU A 25 16.53 -1.73 5.39
N GLY A 26 16.26 -2.19 4.17
CA GLY A 26 15.93 -3.59 3.98
C GLY A 26 17.02 -4.46 4.57
N ARG A 27 18.27 -4.20 4.18
CA ARG A 27 19.41 -4.95 4.69
C ARG A 27 19.43 -4.93 6.22
N GLN A 28 19.34 -3.73 6.79
CA GLN A 28 19.36 -3.59 8.24
C GLN A 28 18.24 -4.40 8.88
N ILE A 29 16.99 -4.10 8.50
CA ILE A 29 15.85 -4.82 9.04
C ILE A 29 16.03 -6.34 8.86
N THR A 30 16.51 -6.76 7.68
CA THR A 30 16.71 -8.19 7.43
C THR A 30 17.70 -8.76 8.44
N GLU A 31 18.86 -8.13 8.55
CA GLU A 31 19.90 -8.59 9.45
C GLU A 31 19.40 -8.67 10.90
N ARG A 32 18.48 -7.78 11.24
CA ARG A 32 17.94 -7.73 12.59
C ARG A 32 16.97 -8.86 12.97
N TYR A 33 16.21 -9.40 12.02
CA TYR A 33 15.26 -10.45 12.37
C TYR A 33 15.52 -11.80 11.72
N LYS A 34 16.49 -11.88 10.83
CA LYS A 34 16.77 -13.13 10.13
C LYS A 34 16.95 -14.35 11.04
N ASP A 35 17.26 -14.14 12.31
CA ASP A 35 17.46 -15.28 13.21
C ASP A 35 16.41 -15.41 14.30
N SER A 36 15.40 -14.55 14.29
CA SER A 36 14.36 -14.58 15.31
C SER A 36 13.64 -15.91 15.37
N GLY A 37 13.21 -16.39 14.21
CA GLY A 37 12.49 -17.66 14.18
C GLY A 37 11.00 -17.44 14.29
N SER A 38 10.60 -16.58 15.22
CA SER A 38 9.18 -16.30 15.40
C SER A 38 8.62 -15.62 14.16
N ASP A 39 7.30 -15.65 14.02
CA ASP A 39 6.64 -15.02 12.90
C ASP A 39 6.85 -13.52 12.94
N MET A 40 6.79 -12.89 11.78
CA MET A 40 7.02 -11.46 11.69
C MET A 40 5.97 -10.77 10.84
N VAL A 41 5.62 -9.54 11.23
CA VAL A 41 4.62 -8.77 10.50
C VAL A 41 4.95 -7.29 10.51
N LEU A 42 4.91 -6.67 9.32
CA LEU A 42 5.17 -5.24 9.21
C LEU A 42 3.80 -4.58 9.22
N VAL A 43 3.60 -3.62 10.10
CA VAL A 43 2.32 -2.95 10.18
C VAL A 43 2.40 -1.53 9.65
N GLY A 44 1.70 -1.27 8.56
CA GLY A 44 1.72 0.06 7.99
C GLY A 44 0.56 0.88 8.52
N LEU A 45 0.79 2.17 8.70
CA LEU A 45 -0.25 3.06 9.17
C LEU A 45 -0.80 3.83 7.97
N LEU A 46 -2.03 3.53 7.59
CA LEU A 46 -2.67 4.21 6.47
C LEU A 46 -2.93 5.66 6.84
N ARG A 47 -2.98 6.56 5.87
CA ARG A 47 -2.89 6.30 4.44
C ARG A 47 -1.42 6.48 3.97
N GLY A 48 -0.78 7.52 4.49
CA GLY A 48 0.58 7.87 4.13
C GLY A 48 1.70 6.87 3.95
N SER A 49 1.63 5.72 4.60
CA SER A 49 2.73 4.77 4.48
C SER A 49 2.55 3.65 3.47
N PHE A 50 1.43 3.62 2.76
CA PHE A 50 1.20 2.54 1.81
C PHE A 50 2.32 2.40 0.79
N MET A 51 2.85 3.50 0.30
CA MET A 51 3.92 3.41 -0.68
C MET A 51 5.22 2.97 -0.04
N PHE A 52 5.58 3.62 1.06
CA PHE A 52 6.80 3.26 1.76
C PHE A 52 6.77 1.77 2.09
N MET A 53 5.61 1.28 2.52
CA MET A 53 5.44 -0.13 2.86
C MET A 53 5.69 -1.03 1.66
N ALA A 54 5.07 -0.69 0.53
CA ALA A 54 5.21 -1.47 -0.70
C ALA A 54 6.68 -1.70 -1.07
N ASP A 55 7.47 -0.63 -1.10
CA ASP A 55 8.88 -0.75 -1.46
C ASP A 55 9.73 -1.42 -0.37
N LEU A 56 9.45 -1.10 0.90
CA LEU A 56 10.23 -1.65 1.99
C LEU A 56 10.11 -3.15 2.20
N CYS A 57 8.89 -3.68 2.17
CA CYS A 57 8.69 -5.09 2.39
C CYS A 57 9.39 -5.96 1.35
N ARG A 58 9.58 -5.42 0.15
CA ARG A 58 10.26 -6.17 -0.90
C ARG A 58 11.74 -6.36 -0.56
N GLU A 59 12.30 -5.37 0.14
CA GLU A 59 13.71 -5.39 0.54
C GLU A 59 13.96 -6.16 1.84
N VAL A 60 12.88 -6.58 2.50
CA VAL A 60 12.99 -7.33 3.73
C VAL A 60 13.10 -8.81 3.37
N GLN A 61 14.29 -9.37 3.54
CA GLN A 61 14.54 -10.76 3.20
C GLN A 61 14.20 -11.78 4.28
N VAL A 62 13.05 -11.64 4.91
CA VAL A 62 12.62 -12.61 5.92
C VAL A 62 11.12 -12.77 5.76
N SER A 63 10.67 -14.02 5.73
CA SER A 63 9.25 -14.30 5.58
C SER A 63 8.40 -13.54 6.60
N HIS A 64 7.51 -12.69 6.10
CA HIS A 64 6.64 -11.92 6.98
C HIS A 64 5.26 -11.67 6.38
N GLU A 65 4.35 -11.19 7.21
CA GLU A 65 3.01 -10.86 6.76
C GLU A 65 2.99 -9.34 6.70
N VAL A 66 2.02 -8.79 5.98
CA VAL A 66 1.91 -7.34 5.87
C VAL A 66 0.48 -6.95 6.25
N ASP A 67 0.35 -6.17 7.31
CA ASP A 67 -0.98 -5.72 7.74
C ASP A 67 -0.99 -4.21 7.78
N PHE A 68 -2.19 -3.64 7.84
CA PHE A 68 -2.34 -2.20 7.92
C PHE A 68 -3.28 -1.79 9.03
N MET A 69 -3.07 -0.60 9.55
CA MET A 69 -3.90 -0.07 10.60
C MET A 69 -4.07 1.40 10.27
N THR A 70 -5.15 2.00 10.74
CA THR A 70 -5.34 3.42 10.48
C THR A 70 -5.90 4.10 11.72
N ALA A 71 -5.07 4.95 12.32
CA ALA A 71 -5.41 5.69 13.53
C ALA A 71 -5.52 7.18 13.27
N SER A 72 -6.38 7.85 14.02
CA SER A 72 -6.60 9.28 13.88
C SER A 72 -5.39 10.07 14.36
N ARG A 82 -8.64 14.57 19.65
CA ARG A 82 -7.42 14.56 20.45
C ARG A 82 -6.98 13.13 20.87
N ASP A 83 -7.94 12.27 21.21
CA ASP A 83 -7.59 10.91 21.58
C ASP A 83 -7.24 10.17 20.30
N LEU A 84 -6.31 9.24 20.39
CA LEU A 84 -5.92 8.48 19.22
C LEU A 84 -6.78 7.22 19.14
N LYS A 85 -7.71 7.21 18.19
CA LYS A 85 -8.65 6.11 18.02
C LYS A 85 -8.38 5.24 16.79
N ILE A 86 -8.78 3.96 16.88
CA ILE A 86 -8.59 2.98 15.82
C ILE A 86 -9.71 2.98 14.79
N LEU A 87 -9.48 3.61 13.65
CA LEU A 87 -10.50 3.66 12.60
C LEU A 87 -10.61 2.31 11.89
N LYS A 88 -9.49 1.57 11.88
CA LYS A 88 -9.42 0.25 11.26
C LYS A 88 -8.27 -0.50 11.91
N ASP A 89 -8.58 -1.56 12.63
CA ASP A 89 -7.56 -2.35 13.30
C ASP A 89 -6.94 -3.35 12.36
N LEU A 90 -5.95 -4.08 12.86
CA LEU A 90 -5.25 -5.11 12.09
C LEU A 90 -6.18 -6.27 11.77
N ASP A 91 -5.78 -7.10 10.80
CA ASP A 91 -6.55 -8.27 10.42
C ASP A 91 -5.88 -9.46 11.10
N GLU A 92 -4.59 -9.28 11.39
CA GLU A 92 -3.77 -10.31 12.01
C GLU A 92 -3.52 -10.11 13.50
N ASP A 93 -3.27 -11.22 14.18
CA ASP A 93 -2.95 -11.19 15.60
C ASP A 93 -1.44 -11.05 15.63
N ILE A 94 -0.94 -10.16 16.48
CA ILE A 94 0.49 -9.93 16.56
C ILE A 94 1.12 -10.56 17.80
N ARG A 95 0.29 -11.16 18.63
CA ARG A 95 0.76 -11.79 19.86
C ARG A 95 1.91 -12.77 19.55
N GLY A 96 3.00 -12.65 20.29
CA GLY A 96 4.15 -13.52 20.10
C GLY A 96 4.92 -13.39 18.79
N LYS A 97 4.66 -12.31 18.05
CA LYS A 97 5.33 -12.10 16.77
C LYS A 97 6.18 -10.85 16.84
N ASP A 98 7.15 -10.76 15.92
CA ASP A 98 7.97 -9.57 15.85
C ASP A 98 7.15 -8.60 15.01
N VAL A 99 6.92 -7.41 15.52
CA VAL A 99 6.11 -6.44 14.80
C VAL A 99 6.93 -5.22 14.47
N LEU A 100 6.93 -4.86 13.19
CA LEU A 100 7.65 -3.68 12.74
C LEU A 100 6.57 -2.71 12.29
N ILE A 101 6.42 -1.60 12.99
CA ILE A 101 5.43 -0.62 12.59
C ILE A 101 6.05 0.18 11.47
N VAL A 102 5.32 0.30 10.36
CA VAL A 102 5.83 1.05 9.23
C VAL A 102 5.09 2.38 9.09
N GLU A 103 5.82 3.47 9.27
CA GLU A 103 5.25 4.80 9.18
C GLU A 103 5.94 5.60 8.09
N ASP A 104 5.24 6.60 7.57
CA ASP A 104 5.82 7.44 6.53
C ASP A 104 6.62 8.56 7.16
N ILE A 105 6.07 9.19 8.19
CA ILE A 105 6.78 10.27 8.85
C ILE A 105 6.43 10.46 10.32
N ILE A 106 7.45 10.86 11.09
CA ILE A 106 7.31 11.12 12.52
C ILE A 106 7.83 12.52 12.84
N ASP A 107 7.00 13.30 13.53
CA ASP A 107 7.37 14.67 13.92
C ASP A 107 7.11 14.89 15.41
N SER A 108 5.86 15.14 15.78
CA SER A 108 5.52 15.33 17.19
C SER A 108 5.89 14.07 17.96
N GLY A 109 5.47 12.93 17.41
CA GLY A 109 5.75 11.65 18.04
C GLY A 109 4.58 11.11 18.83
N ASN A 110 3.53 11.92 18.96
CA ASN A 110 2.35 11.53 19.72
C ASN A 110 1.62 10.31 19.17
N THR A 111 1.34 10.32 17.87
CA THR A 111 0.62 9.22 17.24
C THR A 111 1.34 7.88 17.35
N LEU A 112 2.58 7.80 16.87
CA LEU A 112 3.34 6.55 16.96
C LEU A 112 3.41 6.14 18.43
N SER A 113 3.57 7.14 19.29
CA SER A 113 3.65 6.92 20.72
C SER A 113 2.47 6.07 21.18
N LYS A 114 1.26 6.51 20.82
CA LYS A 114 0.04 5.78 21.21
C LYS A 114 -0.16 4.46 20.46
N VAL A 115 -0.03 4.48 19.14
CA VAL A 115 -0.20 3.25 18.36
C VAL A 115 0.67 2.15 18.96
N ARG A 116 1.89 2.52 19.34
CA ARG A 116 2.81 1.56 19.92
C ARG A 116 2.27 1.01 21.24
N GLU A 117 1.71 1.89 22.07
CA GLU A 117 1.16 1.45 23.35
C GLU A 117 0.09 0.40 23.08
N ILE A 118 -0.84 0.75 22.20
CA ILE A 118 -1.93 -0.13 21.83
C ILE A 118 -1.45 -1.51 21.37
N LEU A 119 -0.45 -1.56 20.50
CA LEU A 119 0.04 -2.83 20.01
C LEU A 119 0.75 -3.61 21.10
N SER A 120 1.45 -2.87 21.96
CA SER A 120 2.17 -3.48 23.06
C SER A 120 1.23 -4.32 23.96
N LEU A 121 0.00 -3.84 24.12
CA LEU A 121 -0.99 -4.55 24.93
C LEU A 121 -1.27 -5.95 24.41
N ARG A 122 -1.07 -6.15 23.12
CA ARG A 122 -1.35 -7.45 22.54
C ARG A 122 -0.21 -8.44 22.73
N GLU A 123 0.80 -7.99 23.47
CA GLU A 123 1.96 -8.80 23.79
C GLU A 123 2.66 -9.50 22.64
N PRO A 124 3.32 -8.72 21.78
CA PRO A 124 4.03 -9.31 20.65
C PRO A 124 5.44 -9.71 21.09
N LYS A 125 6.05 -10.63 20.36
CA LYS A 125 7.40 -11.10 20.64
C LYS A 125 8.29 -9.87 20.80
N SER A 126 8.16 -8.94 19.85
CA SER A 126 8.94 -7.70 19.86
C SER A 126 8.23 -6.59 19.09
N LEU A 127 8.50 -5.34 19.46
CA LEU A 127 7.89 -4.20 18.83
C LEU A 127 8.94 -3.18 18.42
N ALA A 128 8.81 -2.65 17.22
CA ALA A 128 9.74 -1.65 16.74
C ALA A 128 9.05 -0.75 15.73
N ILE A 129 9.72 0.33 15.36
CA ILE A 129 9.17 1.28 14.42
C ILE A 129 10.19 1.58 13.35
N CYS A 130 9.72 1.72 12.11
CA CYS A 130 10.57 2.09 10.99
C CYS A 130 9.84 3.18 10.22
N THR A 131 10.33 4.40 10.34
CA THR A 131 9.72 5.53 9.66
C THR A 131 10.58 5.98 8.48
N LEU A 132 9.95 6.41 7.40
CA LEU A 132 10.71 6.87 6.25
C LEU A 132 11.37 8.20 6.59
N LEU A 133 10.56 9.16 7.02
CA LEU A 133 11.04 10.48 7.38
C LEU A 133 10.96 10.81 8.87
N ASP A 134 11.88 11.64 9.34
CA ASP A 134 11.91 12.04 10.73
C ASP A 134 12.23 13.53 10.87
N LYS A 135 11.35 14.27 11.53
CA LYS A 135 11.56 15.69 11.77
C LYS A 135 11.81 15.84 13.26
N PRO A 136 12.96 15.33 13.75
CA PRO A 136 13.31 15.40 15.17
C PRO A 136 13.21 16.80 15.78
N SER A 137 13.11 17.82 14.94
CA SER A 137 13.00 19.19 15.43
C SER A 137 11.59 19.48 15.95
N ARG A 138 10.68 18.54 15.77
CA ARG A 138 9.31 18.72 16.23
C ARG A 138 8.80 17.69 17.25
N ARG A 139 9.70 16.89 17.78
CA ARG A 139 9.31 15.87 18.75
C ARG A 139 8.85 16.53 20.05
N GLU A 140 7.78 16.00 20.61
CA GLU A 140 7.25 16.52 21.87
C GLU A 140 7.05 15.32 22.77
N VAL A 141 7.35 14.15 22.23
CA VAL A 141 7.19 12.90 22.98
C VAL A 141 8.34 11.94 22.73
N ASN A 142 8.91 11.41 23.81
CA ASN A 142 9.99 10.44 23.67
C ASN A 142 9.36 9.13 23.18
N VAL A 143 9.76 8.68 22.00
CA VAL A 143 9.24 7.45 21.44
C VAL A 143 10.37 6.71 20.74
N PRO A 144 10.50 5.41 21.01
CA PRO A 144 11.55 4.59 20.39
C PRO A 144 11.33 4.41 18.88
N VAL A 145 12.32 4.81 18.09
CA VAL A 145 12.24 4.67 16.64
C VAL A 145 13.53 3.97 16.24
N GLU A 146 13.43 2.66 16.00
CA GLU A 146 14.57 1.83 15.65
C GLU A 146 15.12 1.99 14.24
N PHE A 147 14.29 2.44 13.30
CA PHE A 147 14.76 2.61 11.94
C PHE A 147 14.28 3.91 11.33
N ILE A 148 15.21 4.67 10.76
CA ILE A 148 14.86 5.92 10.13
C ILE A 148 15.50 6.02 8.77
N GLY A 149 14.70 6.32 7.75
CA GLY A 149 15.23 6.45 6.41
C GLY A 149 15.97 7.78 6.28
N PHE A 150 15.30 8.85 6.65
CA PHE A 150 15.87 10.20 6.56
C PHE A 150 15.46 11.12 7.70
N SER A 151 16.41 11.88 8.22
CA SER A 151 16.12 12.86 9.25
C SER A 151 16.12 14.13 8.40
N ILE A 152 15.10 14.96 8.57
CA ILE A 152 14.97 16.13 7.72
C ILE A 152 14.60 17.44 8.40
N PRO A 153 14.79 18.56 7.68
CA PRO A 153 14.46 19.89 8.22
C PRO A 153 12.93 19.93 8.36
N ASP A 154 12.40 20.93 9.05
CA ASP A 154 10.97 21.01 9.20
C ASP A 154 10.39 21.69 7.97
N GLU A 155 10.27 20.91 6.89
CA GLU A 155 9.71 21.40 5.64
C GLU A 155 8.36 20.72 5.57
N PHE A 156 7.45 21.22 4.73
CA PHE A 156 6.15 20.56 4.60
C PHE A 156 6.36 19.61 3.43
N VAL A 157 6.51 18.33 3.74
CA VAL A 157 6.76 17.34 2.72
C VAL A 157 5.54 16.65 2.16
N VAL A 158 5.62 16.29 0.89
CA VAL A 158 4.53 15.61 0.21
C VAL A 158 5.16 14.57 -0.71
N GLY A 159 4.33 13.73 -1.31
CA GLY A 159 4.85 12.72 -2.22
C GLY A 159 5.19 11.40 -1.57
N TYR A 160 5.37 10.39 -2.41
CA TYR A 160 5.70 9.05 -1.94
C TYR A 160 4.73 8.67 -0.82
N GLY A 161 3.45 8.90 -1.05
CA GLY A 161 2.44 8.55 -0.07
C GLY A 161 1.89 9.70 0.73
N ILE A 162 2.76 10.67 1.02
CA ILE A 162 2.38 11.84 1.79
C ILE A 162 1.57 12.79 0.91
N ASP A 163 0.60 13.47 1.50
CA ASP A 163 -0.25 14.38 0.71
C ASP A 163 -0.25 15.83 1.17
N TYR A 164 -1.10 16.60 0.49
CA TYR A 164 -1.33 18.01 0.79
C TYR A 164 -2.73 18.25 0.24
N ALA A 165 -3.70 18.33 1.13
CA ALA A 165 -5.08 18.54 0.69
C ALA A 165 -5.43 17.39 -0.25
N GLN A 166 -5.13 16.17 0.17
CA GLN A 166 -5.39 14.97 -0.63
C GLN A 166 -4.81 15.16 -2.02
N ARG A 167 -3.49 15.38 -2.06
CA ARG A 167 -2.81 15.62 -3.32
C ARG A 167 -1.31 15.35 -3.22
N TYR A 168 -0.75 14.79 -4.29
CA TYR A 168 0.69 14.47 -4.40
C TYR A 168 1.18 13.12 -3.90
N ARG A 169 0.29 12.30 -3.34
CA ARG A 169 0.69 10.99 -2.82
C ARG A 169 1.34 10.13 -3.89
N HIS A 170 0.98 10.35 -5.15
CA HIS A 170 1.52 9.55 -6.23
C HIS A 170 2.93 9.90 -6.70
N LEU A 171 3.46 11.06 -6.31
CA LEU A 171 4.82 11.42 -6.70
C LEU A 171 5.81 10.36 -6.22
N PRO A 172 6.77 9.98 -7.06
CA PRO A 172 7.78 8.97 -6.73
C PRO A 172 8.96 9.54 -5.97
N TYR A 173 8.85 10.80 -5.57
CA TYR A 173 9.91 11.47 -4.84
C TYR A 173 9.32 12.25 -3.68
N ILE A 174 10.16 12.64 -2.73
CA ILE A 174 9.69 13.43 -1.60
C ILE A 174 9.86 14.90 -1.98
N GLY A 175 8.77 15.65 -1.88
CA GLY A 175 8.83 17.06 -2.22
C GLY A 175 8.51 17.96 -1.05
N LYS A 176 8.80 19.24 -1.23
CA LYS A 176 8.53 20.25 -0.22
C LYS A 176 7.63 21.32 -0.83
N VAL A 177 6.57 21.66 -0.10
CA VAL A 177 5.63 22.69 -0.54
C VAL A 177 6.30 24.04 -0.30
N ILE A 178 6.20 24.94 -1.27
CA ILE A 178 6.81 26.26 -1.18
C ILE A 178 5.85 27.37 -0.73
N LEU A 179 4.57 27.23 -1.05
CA LEU A 179 3.55 28.20 -0.64
C LEU A 179 3.37 29.41 -1.58
N LEU A 180 4.34 30.31 -1.65
CA LEU A 180 4.15 31.45 -2.54
C LEU A 180 4.29 31.04 -4.00
N MET B 5 -0.19 -27.46 2.83
CA MET B 5 1.14 -26.94 3.16
C MET B 5 2.24 -27.78 2.50
N LYS B 6 3.50 -27.51 2.85
CA LYS B 6 4.63 -28.22 2.28
C LYS B 6 4.64 -27.91 0.78
N HIS B 7 5.49 -26.98 0.38
CA HIS B 7 5.54 -26.55 -1.01
C HIS B 7 6.77 -25.70 -1.26
N THR B 8 6.80 -25.12 -2.45
CA THR B 8 7.87 -24.21 -2.86
C THR B 8 7.22 -23.20 -3.79
N VAL B 9 7.93 -22.12 -4.08
CA VAL B 9 7.40 -21.10 -4.96
C VAL B 9 8.40 -20.80 -6.06
N GLU B 10 7.94 -20.81 -7.30
CA GLU B 10 8.82 -20.51 -8.40
C GLU B 10 8.32 -19.26 -9.10
N VAL B 11 9.25 -18.49 -9.65
CA VAL B 11 8.87 -17.27 -10.34
C VAL B 11 8.00 -17.59 -11.56
N MET B 12 6.91 -16.86 -11.71
CA MET B 12 6.02 -17.04 -12.84
C MET B 12 6.13 -15.78 -13.69
N ILE B 13 5.89 -14.63 -13.07
CA ILE B 13 5.98 -13.33 -13.74
C ILE B 13 7.07 -12.50 -13.03
N PRO B 14 8.29 -12.50 -13.57
CA PRO B 14 9.41 -11.75 -13.01
C PRO B 14 9.11 -10.28 -12.71
N GLU B 15 9.71 -9.79 -11.63
CA GLU B 15 9.56 -8.41 -11.20
C GLU B 15 9.74 -7.41 -12.34
N ALA B 16 10.75 -7.64 -13.17
CA ALA B 16 11.03 -6.74 -14.29
C ALA B 16 9.91 -6.68 -15.31
N GLU B 17 9.23 -7.81 -15.49
CA GLU B 17 8.13 -7.84 -16.43
C GLU B 17 6.92 -7.12 -15.83
N ILE B 18 6.68 -7.34 -14.54
CA ILE B 18 5.56 -6.67 -13.88
C ILE B 18 5.72 -5.16 -14.06
N LYS B 19 6.93 -4.68 -13.82
CA LYS B 19 7.25 -3.25 -13.94
C LYS B 19 6.87 -2.72 -15.31
N ALA B 20 7.32 -3.44 -16.34
CA ALA B 20 7.06 -3.08 -17.73
C ALA B 20 5.56 -2.99 -18.02
N ARG B 21 4.80 -3.97 -17.54
CA ARG B 21 3.36 -4.00 -17.77
C ARG B 21 2.67 -2.84 -17.07
N ILE B 22 3.13 -2.55 -15.86
CA ILE B 22 2.53 -1.48 -15.07
C ILE B 22 2.82 -0.14 -15.74
N ALA B 23 4.00 -0.02 -16.33
CA ALA B 23 4.35 1.22 -17.03
C ALA B 23 3.34 1.42 -18.17
N GLU B 24 3.09 0.34 -18.93
CA GLU B 24 2.16 0.37 -20.04
C GLU B 24 0.75 0.71 -19.55
N LEU B 25 0.32 0.06 -18.46
CA LEU B 25 -1.00 0.33 -17.91
C LEU B 25 -1.04 1.82 -17.59
N GLY B 26 0.02 2.29 -16.94
CA GLY B 26 0.12 3.69 -16.56
C GLY B 26 -0.13 4.62 -17.73
N ARG B 27 0.52 4.35 -18.86
CA ARG B 27 0.33 5.16 -20.06
C ARG B 27 -1.13 5.16 -20.46
N GLN B 28 -1.72 3.97 -20.47
CA GLN B 28 -3.12 3.80 -20.84
C GLN B 28 -4.05 4.55 -19.91
N ILE B 29 -3.89 4.36 -18.61
CA ILE B 29 -4.75 5.07 -17.67
C ILE B 29 -4.59 6.56 -17.92
N THR B 30 -3.34 7.01 -18.03
CA THR B 30 -3.07 8.42 -18.28
C THR B 30 -3.79 8.93 -19.53
N GLU B 31 -3.70 8.18 -20.61
CA GLU B 31 -4.34 8.56 -21.86
C GLU B 31 -5.86 8.66 -21.70
N ARG B 32 -6.43 7.66 -21.04
CA ARG B 32 -7.86 7.58 -20.82
C ARG B 32 -8.46 8.70 -19.99
N TYR B 33 -7.66 9.32 -19.12
CA TYR B 33 -8.19 10.39 -18.26
C TYR B 33 -7.56 11.77 -18.36
N LYS B 34 -6.40 11.89 -19.00
CA LYS B 34 -5.74 13.18 -19.09
C LYS B 34 -6.61 14.37 -19.45
N ASP B 35 -7.65 14.16 -20.26
CA ASP B 35 -8.51 15.26 -20.66
C ASP B 35 -9.83 15.41 -19.90
N SER B 36 -10.04 14.62 -18.86
CA SER B 36 -11.29 14.69 -18.09
C SER B 36 -11.52 16.02 -17.40
N GLY B 37 -10.46 16.57 -16.81
CA GLY B 37 -10.59 17.84 -16.14
C GLY B 37 -11.00 17.71 -14.68
N SER B 38 -12.05 16.92 -14.43
CA SER B 38 -12.55 16.71 -13.07
C SER B 38 -11.55 15.92 -12.20
N ASP B 39 -11.82 15.86 -10.90
CA ASP B 39 -10.94 15.13 -9.98
C ASP B 39 -10.91 13.64 -10.22
N MET B 40 -9.75 13.03 -9.98
CA MET B 40 -9.60 11.60 -10.14
C MET B 40 -9.04 10.98 -8.86
N VAL B 41 -9.45 9.75 -8.56
CA VAL B 41 -8.96 9.05 -7.38
C VAL B 41 -8.86 7.54 -7.63
N LEU B 42 -7.70 6.97 -7.36
CA LEU B 42 -7.53 5.53 -7.53
C LEU B 42 -7.90 4.93 -6.20
N VAL B 43 -8.90 4.05 -6.19
CA VAL B 43 -9.34 3.40 -4.97
C VAL B 43 -8.82 1.97 -4.89
N GLY B 44 -7.94 1.71 -3.93
CA GLY B 44 -7.38 0.38 -3.77
C GLY B 44 -8.12 -0.46 -2.76
N LEU B 45 -8.21 -1.76 -3.04
CA LEU B 45 -8.88 -2.69 -2.14
C LEU B 45 -7.87 -3.43 -1.27
N LEU B 46 -7.84 -3.10 0.02
CA LEU B 46 -6.90 -3.77 0.94
C LEU B 46 -7.33 -5.20 1.22
N ARG B 47 -6.39 -6.10 1.56
CA ARG B 47 -4.95 -5.84 1.71
C ARG B 47 -4.28 -5.94 0.33
N GLY B 48 -4.69 -6.98 -0.41
CA GLY B 48 -4.15 -7.27 -1.73
C GLY B 48 -3.59 -6.23 -2.70
N SER B 49 -4.22 -5.07 -2.80
CA SER B 49 -3.78 -4.05 -3.76
C SER B 49 -2.73 -3.04 -3.31
N PHE B 50 -2.25 -3.12 -2.07
CA PHE B 50 -1.30 -2.13 -1.61
C PHE B 50 -0.05 -2.00 -2.47
N MET B 51 0.61 -3.10 -2.80
CA MET B 51 1.82 -3.01 -3.61
C MET B 51 1.55 -2.55 -5.05
N PHE B 52 0.56 -3.18 -5.70
CA PHE B 52 0.19 -2.84 -7.06
C PHE B 52 -0.21 -1.37 -7.16
N MET B 53 -0.93 -0.89 -6.15
CA MET B 53 -1.35 0.50 -6.13
C MET B 53 -0.12 1.41 -6.07
N ALA B 54 0.83 1.05 -5.21
CA ALA B 54 2.05 1.84 -5.04
C ALA B 54 2.73 2.08 -6.38
N ASP B 55 3.06 1.00 -7.08
CA ASP B 55 3.71 1.10 -8.37
C ASP B 55 2.83 1.77 -9.42
N LEU B 56 1.59 1.28 -9.53
CA LEU B 56 0.67 1.83 -10.52
C LEU B 56 0.44 3.33 -10.45
N CYS B 57 0.06 3.84 -9.29
CA CYS B 57 -0.21 5.26 -9.16
C CYS B 57 0.97 6.13 -9.57
N ARG B 58 2.19 5.60 -9.47
CA ARG B 58 3.35 6.39 -9.87
C ARG B 58 3.46 6.46 -11.39
N GLU B 59 2.84 5.51 -12.08
CA GLU B 59 2.88 5.49 -13.53
C GLU B 59 1.73 6.28 -14.14
N VAL B 60 0.82 6.77 -13.30
CA VAL B 60 -0.31 7.53 -13.81
C VAL B 60 0.04 9.01 -13.85
N GLN B 61 0.39 9.51 -15.05
CA GLN B 61 0.76 10.90 -15.21
C GLN B 61 -0.41 11.87 -15.23
N VAL B 62 -1.32 11.73 -14.27
CA VAL B 62 -2.45 12.65 -14.19
C VAL B 62 -2.83 12.79 -12.73
N SER B 63 -2.71 14.02 -12.23
CA SER B 63 -3.03 14.37 -10.85
C SER B 63 -4.23 13.59 -10.32
N HIS B 64 -4.06 12.92 -9.18
CA HIS B 64 -5.14 12.14 -8.59
C HIS B 64 -4.92 11.89 -7.10
N GLU B 65 -5.97 11.42 -6.44
CA GLU B 65 -5.94 11.09 -5.01
C GLU B 65 -5.80 9.58 -4.93
N VAL B 66 -5.34 9.09 -3.79
CA VAL B 66 -5.21 7.66 -3.58
C VAL B 66 -5.92 7.31 -2.29
N ASP B 67 -6.99 6.54 -2.39
CA ASP B 67 -7.72 6.15 -1.19
C ASP B 67 -7.81 4.64 -1.19
N PHE B 68 -8.01 4.07 -0.01
CA PHE B 68 -8.14 2.63 0.11
C PHE B 68 -9.45 2.27 0.74
N MET B 69 -9.90 1.06 0.46
CA MET B 69 -11.16 0.57 1.00
C MET B 69 -10.91 -0.91 1.28
N THR B 70 -11.60 -1.45 2.27
CA THR B 70 -11.44 -2.87 2.55
C THR B 70 -12.79 -3.52 2.85
N ALA B 71 -13.16 -4.44 1.96
CA ALA B 71 -14.43 -5.15 2.05
C ALA B 71 -14.20 -6.62 2.38
N SER B 72 -15.15 -7.21 3.09
CA SER B 72 -15.05 -8.61 3.45
C SER B 72 -15.19 -9.40 2.14
N SER B 73 -14.26 -10.33 1.93
CA SER B 73 -14.26 -11.14 0.72
C SER B 73 -15.15 -12.37 0.88
N ARG B 82 -21.65 -14.46 3.57
CA ARG B 82 -21.85 -14.39 2.13
C ARG B 82 -22.08 -12.94 1.66
N ASP B 83 -22.59 -12.07 2.53
CA ASP B 83 -22.82 -10.67 2.12
C ASP B 83 -21.51 -9.89 2.10
N LEU B 84 -21.31 -9.09 1.07
CA LEU B 84 -20.11 -8.29 1.00
C LEU B 84 -20.31 -7.04 1.85
N LYS B 85 -19.52 -6.91 2.91
CA LYS B 85 -19.63 -5.77 3.80
C LYS B 85 -18.38 -4.92 3.84
N ILE B 86 -18.55 -3.65 4.16
CA ILE B 86 -17.44 -2.70 4.24
C ILE B 86 -16.78 -2.70 5.61
N LEU B 87 -15.53 -3.12 5.66
CA LEU B 87 -14.82 -3.14 6.95
C LEU B 87 -14.16 -1.77 7.19
N LYS B 88 -13.84 -1.08 6.10
CA LYS B 88 -13.25 0.25 6.16
C LYS B 88 -13.62 0.94 4.86
N ASP B 89 -14.45 1.98 4.96
CA ASP B 89 -14.89 2.70 3.79
C ASP B 89 -13.84 3.70 3.37
N LEU B 90 -14.12 4.36 2.26
CA LEU B 90 -13.23 5.39 1.73
C LEU B 90 -13.20 6.55 2.72
N ASP B 91 -12.07 7.26 2.76
CA ASP B 91 -11.97 8.42 3.64
C ASP B 91 -12.48 9.62 2.87
N GLU B 92 -12.18 9.69 1.58
CA GLU B 92 -12.60 10.81 0.77
C GLU B 92 -13.83 10.54 -0.12
N ASP B 93 -14.54 11.61 -0.46
CA ASP B 93 -15.74 11.50 -1.28
C ASP B 93 -15.36 11.28 -2.74
N ILE B 94 -16.21 10.60 -3.50
CA ILE B 94 -15.92 10.34 -4.90
C ILE B 94 -16.97 10.91 -5.84
N ARG B 95 -17.97 11.58 -5.29
CA ARG B 95 -19.04 12.15 -6.11
C ARG B 95 -18.48 13.10 -7.15
N GLY B 96 -18.91 12.94 -8.39
CA GLY B 96 -18.43 13.81 -9.46
C GLY B 96 -16.98 13.63 -9.85
N LYS B 97 -16.35 12.57 -9.37
CA LYS B 97 -14.95 12.32 -9.70
C LYS B 97 -14.79 11.06 -10.53
N ASP B 98 -13.67 10.95 -11.22
CA ASP B 98 -13.39 9.75 -12.02
C ASP B 98 -12.73 8.81 -11.03
N VAL B 99 -13.36 7.66 -10.80
CA VAL B 99 -12.84 6.69 -9.86
C VAL B 99 -12.31 5.46 -10.56
N LEU B 100 -11.11 5.04 -10.17
CA LEU B 100 -10.50 3.85 -10.77
C LEU B 100 -10.22 2.84 -9.67
N ILE B 101 -11.10 1.85 -9.52
CA ILE B 101 -10.91 0.82 -8.52
C ILE B 101 -9.66 0.04 -8.92
N VAL B 102 -8.80 -0.24 -7.93
CA VAL B 102 -7.55 -0.95 -8.16
C VAL B 102 -7.44 -2.21 -7.32
N GLU B 103 -7.37 -3.35 -7.98
CA GLU B 103 -7.26 -4.64 -7.31
C GLU B 103 -6.06 -5.44 -7.80
N ASP B 104 -5.60 -6.38 -6.99
CA ASP B 104 -4.45 -7.20 -7.35
C ASP B 104 -4.87 -8.32 -8.32
N ILE B 105 -6.04 -8.88 -8.10
CA ILE B 105 -6.52 -9.95 -8.97
C ILE B 105 -8.01 -10.10 -8.93
N ILE B 106 -8.57 -10.47 -10.07
CA ILE B 106 -10.00 -10.71 -10.16
C ILE B 106 -10.21 -12.12 -10.66
N ASP B 107 -11.03 -12.88 -9.94
CA ASP B 107 -11.34 -14.25 -10.31
C ASP B 107 -12.87 -14.42 -10.35
N SER B 108 -13.47 -14.79 -9.23
CA SER B 108 -14.92 -14.98 -9.18
C SER B 108 -15.66 -13.72 -9.64
N GLY B 109 -15.05 -12.56 -9.36
CA GLY B 109 -15.64 -11.28 -9.74
C GLY B 109 -16.73 -10.79 -8.82
N ASN B 110 -16.85 -11.39 -7.65
CA ASN B 110 -17.88 -11.02 -6.69
C ASN B 110 -17.61 -9.70 -5.97
N THR B 111 -16.49 -9.62 -5.27
CA THR B 111 -16.17 -8.39 -4.53
C THR B 111 -16.15 -7.17 -5.44
N LEU B 112 -15.32 -7.19 -6.48
CA LEU B 112 -15.26 -6.07 -7.41
C LEU B 112 -16.67 -5.70 -7.86
N SER B 113 -17.49 -6.72 -8.09
CA SER B 113 -18.86 -6.49 -8.53
C SER B 113 -19.65 -5.66 -7.52
N LYS B 114 -19.71 -6.13 -6.29
CA LYS B 114 -20.45 -5.41 -5.25
C LYS B 114 -19.83 -4.07 -4.90
N VAL B 115 -18.49 -4.04 -4.79
CA VAL B 115 -17.80 -2.79 -4.48
C VAL B 115 -18.14 -1.73 -5.53
N ARG B 116 -18.19 -2.14 -6.80
CA ARG B 116 -18.52 -1.22 -7.88
C ARG B 116 -19.95 -0.68 -7.73
N GLU B 117 -20.86 -1.52 -7.28
CA GLU B 117 -22.24 -1.10 -7.08
C GLU B 117 -22.30 -0.10 -5.92
N ILE B 118 -21.59 -0.40 -4.84
CA ILE B 118 -21.56 0.46 -3.67
C ILE B 118 -21.11 1.87 -4.06
N LEU B 119 -20.00 1.92 -4.80
CA LEU B 119 -19.42 3.18 -5.21
C LEU B 119 -20.21 3.96 -6.26
N SER B 120 -20.91 3.27 -7.15
CA SER B 120 -21.68 3.99 -8.14
C SER B 120 -22.76 4.81 -7.43
N LEU B 121 -23.26 4.29 -6.31
CA LEU B 121 -24.27 4.98 -5.55
C LEU B 121 -23.87 6.40 -5.14
N ARG B 122 -22.57 6.65 -5.00
CA ARG B 122 -22.09 7.97 -4.61
C ARG B 122 -21.97 8.88 -5.81
N GLU B 123 -22.53 8.41 -6.91
CA GLU B 123 -22.55 9.14 -8.17
C GLU B 123 -21.26 9.82 -8.61
N PRO B 124 -20.22 9.02 -8.92
CA PRO B 124 -18.93 9.55 -9.37
C PRO B 124 -19.00 9.84 -10.88
N LYS B 125 -18.14 10.71 -11.38
CA LYS B 125 -18.16 11.03 -12.80
C LYS B 125 -17.95 9.78 -13.64
N SER B 126 -17.22 8.81 -13.11
CA SER B 126 -16.99 7.58 -13.84
C SER B 126 -16.39 6.51 -12.94
N LEU B 127 -16.61 5.26 -13.31
CA LEU B 127 -16.13 4.11 -12.56
C LEU B 127 -15.53 3.07 -13.49
N ALA B 128 -14.30 2.70 -13.19
CA ALA B 128 -13.59 1.70 -13.98
C ALA B 128 -12.77 0.85 -13.02
N ILE B 129 -12.36 -0.32 -13.48
CA ILE B 129 -11.55 -1.21 -12.66
C ILE B 129 -10.20 -1.50 -13.33
N CYS B 130 -9.15 -1.63 -12.52
CA CYS B 130 -7.83 -1.96 -13.04
C CYS B 130 -7.26 -3.06 -12.15
N THR B 131 -7.00 -4.21 -12.76
CA THR B 131 -6.49 -5.34 -12.01
C THR B 131 -5.19 -5.87 -12.61
N LEU B 132 -4.22 -6.14 -11.74
CA LEU B 132 -2.94 -6.66 -12.17
C LEU B 132 -3.14 -8.02 -12.84
N LEU B 133 -3.85 -8.90 -12.17
CA LEU B 133 -4.10 -10.24 -12.70
C LEU B 133 -5.58 -10.49 -12.99
N ASP B 134 -5.84 -11.22 -14.06
CA ASP B 134 -7.19 -11.57 -14.46
C ASP B 134 -7.28 -13.07 -14.67
N LYS B 135 -8.25 -13.69 -14.00
CA LYS B 135 -8.47 -15.13 -14.12
C LYS B 135 -9.85 -15.33 -14.71
N PRO B 136 -9.99 -15.09 -16.02
CA PRO B 136 -11.25 -15.23 -16.78
C PRO B 136 -12.01 -16.50 -16.46
N SER B 137 -11.31 -17.63 -16.50
CA SER B 137 -11.93 -18.91 -16.24
C SER B 137 -12.64 -19.06 -14.90
N ARG B 138 -12.47 -18.11 -13.99
CA ARG B 138 -13.13 -18.22 -12.69
C ARG B 138 -14.26 -17.24 -12.44
N ARG B 139 -14.56 -16.43 -13.45
CA ARG B 139 -15.61 -15.43 -13.33
C ARG B 139 -16.99 -16.04 -13.04
N GLU B 140 -17.64 -15.54 -11.99
CA GLU B 140 -18.97 -16.01 -11.60
C GLU B 140 -19.97 -14.89 -11.82
N VAL B 141 -19.53 -13.66 -11.57
CA VAL B 141 -20.39 -12.50 -11.74
C VAL B 141 -19.72 -11.62 -12.76
N ASN B 142 -20.36 -11.44 -13.91
CA ASN B 142 -19.76 -10.61 -14.94
C ASN B 142 -19.66 -9.16 -14.48
N VAL B 143 -18.44 -8.60 -14.56
CA VAL B 143 -18.19 -7.22 -14.19
C VAL B 143 -17.15 -6.64 -15.14
N PRO B 144 -17.40 -5.45 -15.68
CA PRO B 144 -16.45 -4.84 -16.62
C PRO B 144 -15.10 -4.45 -15.99
N VAL B 145 -14.03 -4.96 -16.57
CA VAL B 145 -12.67 -4.65 -16.10
C VAL B 145 -11.89 -4.00 -17.23
N GLU B 146 -11.81 -2.67 -17.17
CA GLU B 146 -11.12 -1.86 -18.18
C GLU B 146 -9.62 -2.12 -18.41
N PHE B 147 -8.83 -2.17 -17.33
CA PHE B 147 -7.39 -2.40 -17.50
C PHE B 147 -6.91 -3.64 -16.79
N ILE B 148 -6.19 -4.49 -17.52
CA ILE B 148 -5.70 -5.74 -16.95
C ILE B 148 -4.21 -5.94 -17.22
N GLY B 149 -3.44 -6.22 -16.18
CA GLY B 149 -2.02 -6.42 -16.38
C GLY B 149 -1.66 -7.72 -17.09
N PHE B 150 -2.24 -8.82 -16.62
CA PHE B 150 -1.97 -10.15 -17.20
C PHE B 150 -3.19 -11.06 -17.08
N SER B 151 -3.42 -11.90 -18.10
CA SER B 151 -4.54 -12.85 -18.07
C SER B 151 -3.83 -14.17 -17.86
N ILE B 152 -4.23 -14.92 -16.83
CA ILE B 152 -3.56 -16.19 -16.56
C ILE B 152 -4.56 -17.30 -16.29
N PRO B 153 -4.12 -18.56 -16.46
CA PRO B 153 -5.03 -19.68 -16.19
C PRO B 153 -5.24 -19.74 -14.70
N ASP B 154 -6.15 -20.57 -14.25
CA ASP B 154 -6.44 -20.70 -12.82
C ASP B 154 -5.26 -21.36 -12.09
N GLU B 155 -4.15 -20.62 -11.98
CA GLU B 155 -2.95 -21.09 -11.32
C GLU B 155 -2.85 -20.62 -9.87
N PHE B 156 -2.23 -21.45 -9.03
CA PHE B 156 -2.06 -21.13 -7.61
C PHE B 156 -0.92 -20.10 -7.58
N VAL B 157 -1.29 -18.83 -7.50
CA VAL B 157 -0.31 -17.76 -7.51
C VAL B 157 -0.18 -17.02 -6.18
N VAL B 158 0.99 -16.47 -5.93
CA VAL B 158 1.24 -15.69 -4.72
C VAL B 158 2.18 -14.55 -5.04
N GLY B 159 2.38 -13.68 -4.05
CA GLY B 159 3.27 -12.54 -4.21
C GLY B 159 2.59 -11.29 -4.71
N TYR B 160 3.33 -10.17 -4.60
CA TYR B 160 2.84 -8.88 -5.05
C TYR B 160 1.49 -8.56 -4.43
N GLY B 161 1.34 -8.93 -3.16
CA GLY B 161 0.09 -8.67 -2.48
C GLY B 161 -0.74 -9.91 -2.28
N ILE B 162 -0.62 -10.86 -3.21
CA ILE B 162 -1.38 -12.09 -3.07
C ILE B 162 -0.63 -12.98 -2.10
N ASP B 163 -1.35 -13.47 -1.09
CA ASP B 163 -0.75 -14.31 -0.05
C ASP B 163 -1.20 -15.75 -0.10
N TYR B 164 -0.50 -16.58 0.67
CA TYR B 164 -0.82 -17.99 0.82
C TYR B 164 -0.60 -18.29 2.29
N ALA B 165 -1.68 -18.32 3.07
CA ALA B 165 -1.56 -18.60 4.50
C ALA B 165 -0.63 -17.55 5.12
N GLN B 166 -1.00 -16.28 4.92
CA GLN B 166 -0.24 -15.14 5.43
C GLN B 166 1.24 -15.23 5.03
N ARG B 167 1.53 -15.45 3.75
CA ARG B 167 2.91 -15.53 3.29
C ARG B 167 3.06 -15.09 1.84
N TYR B 168 4.31 -14.80 1.46
CA TYR B 168 4.66 -14.39 0.09
C TYR B 168 4.08 -13.06 -0.40
N ARG B 169 3.32 -12.39 0.46
CA ARG B 169 2.69 -11.12 0.11
C ARG B 169 3.69 -10.02 -0.27
N HIS B 170 4.92 -10.16 0.21
CA HIS B 170 6.00 -9.19 -0.05
C HIS B 170 6.95 -9.55 -1.19
N LEU B 171 6.61 -10.61 -1.94
CA LEU B 171 7.43 -11.03 -3.07
C LEU B 171 7.32 -9.97 -4.16
N PRO B 172 8.45 -9.57 -4.76
CA PRO B 172 8.40 -8.54 -5.82
C PRO B 172 7.92 -9.08 -7.16
N TYR B 173 7.74 -10.40 -7.22
CA TYR B 173 7.32 -11.06 -8.43
C TYR B 173 6.12 -11.95 -8.18
N ILE B 174 5.41 -12.34 -9.24
CA ILE B 174 4.28 -13.24 -9.09
C ILE B 174 4.81 -14.66 -9.08
N GLY B 175 4.51 -15.40 -8.03
CA GLY B 175 4.99 -16.77 -7.96
C GLY B 175 3.92 -17.81 -8.12
N LYS B 176 4.35 -19.05 -8.29
CA LYS B 176 3.44 -20.18 -8.45
C LYS B 176 3.70 -21.15 -7.30
N VAL B 177 2.67 -21.42 -6.52
CA VAL B 177 2.78 -22.36 -5.39
C VAL B 177 2.75 -23.78 -5.95
N ILE B 178 3.89 -24.47 -5.89
CA ILE B 178 3.98 -25.83 -6.41
C ILE B 178 3.24 -26.90 -5.61
N LEU B 179 3.55 -27.03 -4.32
CA LEU B 179 2.89 -28.02 -3.46
C LEU B 179 3.42 -29.45 -3.59
N LEU B 180 4.37 -29.80 -2.72
CA LEU B 180 4.94 -31.15 -2.72
C LEU B 180 3.96 -32.09 -2.01
N ASP B 181 4.26 -33.39 -2.00
CA ASP B 181 3.38 -34.39 -1.37
C ASP B 181 4.16 -35.33 -0.45
#